data_5TK7
#
_entry.id   5TK7
#
_cell.length_a   143.031
_cell.length_b   143.031
_cell.length_c   53.786
_cell.angle_alpha   90.00
_cell.angle_beta   90.00
_cell.angle_gamma   120.00
#
_symmetry.space_group_name_H-M   'H 3 2'
#
loop_
_entity.id
_entity.type
_entity.pdbx_description
1 polymer 'OxsA protein'
2 non-polymer 'MAGNESIUM ION'
3 non-polymer '[[(2~{S},3~{R},4~{R})-4-(6-aminopurin-9-yl)-3-(hydroxymethyl)oxetan-2-yl]methoxy-oxidanyl-phosphoryl] phosphono hydrogen phosphate'
4 water water
#
_entity_poly.entity_id   1
_entity_poly.type   'polypeptide(L)'
_entity_poly.pdbx_seq_one_letter_code
;MSSLLDIIYQLRQVPRWDGSFQFEKEDVSQHSFSVIAISHILCELKETLEGKKINKEKLLLYALYHDVTEVVSTHIISPV
KKNSILKDPFNAFREQIKNSLFDNLPITLSDTLSTILNNNDLEIQEIVEHADHVDAYCKSCIEVHRGNKDFISIQRSLGD
KLDNLTKEYPYLKEFQNLFLKDFPLENKNYRYLN
;
_entity_poly.pdbx_strand_id   A
#
loop_
_chem_comp.id
_chem_comp.type
_chem_comp.name
_chem_comp.formula
7D4 non-polymer '[[(2~{S},3~{R},4~{R})-4-(6-aminopurin-9-yl)-3-(hydroxymethyl)oxetan-2-yl]methoxy-oxidanyl-phosphoryl] phosphono hydrogen phosphate' 'C10 H16 N5 O12 P3'
MG non-polymer 'MAGNESIUM ION' 'Mg 2'
#
# COMPACT_ATOMS: atom_id res chain seq x y z
N SER A 2 -19.17 1.90 -17.95
CA SER A 2 -18.40 1.53 -16.76
C SER A 2 -17.90 2.73 -15.97
N SER A 3 -17.86 2.58 -14.65
CA SER A 3 -17.28 3.60 -13.79
C SER A 3 -15.78 3.43 -13.59
N LEU A 4 -15.17 2.43 -14.21
CA LEU A 4 -13.79 2.05 -13.88
C LEU A 4 -12.82 3.21 -14.12
N LEU A 5 -12.92 3.88 -15.26
CA LEU A 5 -11.95 4.94 -15.53
C LEU A 5 -12.20 6.14 -14.63
N ASP A 6 -13.47 6.45 -14.37
CA ASP A 6 -13.79 7.53 -13.43
C ASP A 6 -13.20 7.24 -12.05
N ILE A 7 -13.28 6.00 -11.61
CA ILE A 7 -12.80 5.62 -10.29
C ILE A 7 -11.29 5.80 -10.20
N ILE A 8 -10.55 5.42 -11.24
CA ILE A 8 -9.10 5.59 -11.26
C ILE A 8 -8.70 7.04 -11.01
N TYR A 9 -9.41 7.99 -11.63
CA TYR A 9 -9.07 9.40 -11.37
C TYR A 9 -9.69 9.91 -10.08
N GLN A 10 -10.79 9.31 -9.63
CA GLN A 10 -11.47 9.77 -8.42
C GLN A 10 -10.67 9.47 -7.16
N LEU A 11 -9.77 8.48 -7.22
CA LEU A 11 -8.87 8.18 -6.11
C LEU A 11 -7.98 9.36 -5.73
N ARG A 12 -7.76 10.31 -6.64
CA ARG A 12 -7.06 11.55 -6.26
C ARG A 12 -7.81 12.37 -5.24
N GLN A 13 -9.12 12.15 -5.10
CA GLN A 13 -9.94 12.93 -4.17
C GLN A 13 -10.08 12.25 -2.81
N VAL A 14 -9.37 11.14 -2.59
CA VAL A 14 -9.41 10.40 -1.34
C VAL A 14 -8.12 10.71 -0.58
N PRO A 15 -8.17 11.49 0.50
CA PRO A 15 -6.95 11.82 1.23
C PRO A 15 -6.57 10.75 2.24
N ARG A 16 -5.27 10.63 2.48
CA ARG A 16 -4.77 9.78 3.53
C ARG A 16 -4.36 10.62 4.75
N TRP A 17 -4.17 9.94 5.89
CA TRP A 17 -3.67 10.54 7.13
C TRP A 17 -4.63 11.55 7.75
N ASP A 18 -5.94 11.34 7.60
CA ASP A 18 -6.89 12.23 8.26
C ASP A 18 -6.55 12.39 9.73
N GLY A 19 -6.71 13.60 10.23
CA GLY A 19 -6.47 13.89 11.62
C GLY A 19 -5.02 14.13 11.99
N SER A 20 -4.08 14.05 11.05
CA SER A 20 -2.68 14.40 11.28
C SER A 20 -2.29 15.57 10.38
N PHE A 21 -1.54 16.52 10.94
CA PHE A 21 -0.98 17.58 10.11
C PHE A 21 0.09 17.02 9.16
N GLN A 22 0.02 17.39 7.88
CA GLN A 22 0.99 17.02 6.86
C GLN A 22 1.54 18.27 6.17
N PHE A 23 2.86 18.33 6.01
CA PHE A 23 3.42 19.36 5.12
C PHE A 23 3.04 19.09 3.66
N GLU A 24 2.83 17.84 3.27
CA GLU A 24 2.40 17.52 1.90
C GLU A 24 1.23 16.56 1.98
N LYS A 25 0.07 16.97 1.47
CA LYS A 25 -1.11 16.13 1.59
C LYS A 25 -1.01 14.99 0.58
N GLU A 26 -1.32 13.79 1.02
CA GLU A 26 -1.15 12.60 0.19
C GLU A 26 -2.51 12.01 -0.15
N ASP A 27 -2.68 11.62 -1.42
CA ASP A 27 -3.90 10.97 -1.86
C ASP A 27 -3.64 9.51 -2.20
N VAL A 28 -4.73 8.79 -2.45
CA VAL A 28 -4.62 7.34 -2.64
C VAL A 28 -3.89 7.00 -3.94
N SER A 29 -3.97 7.86 -4.95
CA SER A 29 -3.27 7.55 -6.20
C SER A 29 -1.75 7.64 -6.05
N GLN A 30 -1.27 8.67 -5.33
CA GLN A 30 0.17 8.76 -5.07
C GLN A 30 0.64 7.56 -4.25
N HIS A 31 -0.11 7.22 -3.22
CA HIS A 31 0.20 6.08 -2.38
C HIS A 31 0.22 4.78 -3.17
N SER A 32 -0.75 4.59 -4.06
CA SER A 32 -0.82 3.33 -4.81
C SER A 32 0.32 3.22 -5.82
N PHE A 33 0.73 4.35 -6.43
CA PHE A 33 1.90 4.32 -7.30
C PHE A 33 3.12 3.82 -6.53
N SER A 34 3.33 4.34 -5.32
CA SER A 34 4.48 3.92 -4.52
C SER A 34 4.37 2.46 -4.11
N VAL A 35 3.16 2.01 -3.76
CA VAL A 35 2.98 0.61 -3.34
C VAL A 35 3.24 -0.34 -4.51
N ILE A 36 2.86 0.04 -5.74
CA ILE A 36 3.17 -0.81 -6.88
C ILE A 36 4.68 -0.97 -7.03
N ALA A 37 5.43 0.14 -6.98
CA ALA A 37 6.87 0.06 -7.17
C ALA A 37 7.54 -0.72 -6.04
N ILE A 38 7.11 -0.48 -4.80
CA ILE A 38 7.68 -1.22 -3.67
C ILE A 38 7.33 -2.70 -3.78
N SER A 39 6.10 -3.01 -4.17
CA SER A 39 5.71 -4.41 -4.37
C SER A 39 6.63 -5.10 -5.37
N HIS A 40 6.95 -4.40 -6.47
CA HIS A 40 7.85 -4.98 -7.46
C HIS A 40 9.22 -5.26 -6.87
N ILE A 41 9.77 -4.30 -6.15
CA ILE A 41 11.13 -4.44 -5.59
C ILE A 41 11.17 -5.56 -4.56
N LEU A 42 10.19 -5.58 -3.64
CA LEU A 42 10.14 -6.66 -2.65
C LEU A 42 10.05 -8.01 -3.33
N CYS A 43 9.25 -8.11 -4.40
CA CYS A 43 9.05 -9.37 -5.10
C CYS A 43 10.35 -9.87 -5.73
N GLU A 44 11.13 -8.97 -6.32
CA GLU A 44 12.41 -9.38 -6.89
C GLU A 44 13.35 -9.91 -5.81
N LEU A 45 13.40 -9.25 -4.66
CA LEU A 45 14.27 -9.70 -3.58
C LEU A 45 13.80 -11.03 -3.00
N LYS A 46 12.49 -11.17 -2.80
CA LYS A 46 11.93 -12.43 -2.28
C LYS A 46 12.22 -13.59 -3.24
N GLU A 47 12.10 -13.35 -4.55
CA GLU A 47 12.34 -14.41 -5.52
C GLU A 47 13.78 -14.90 -5.43
N THR A 48 14.73 -13.96 -5.35
CA THR A 48 16.13 -14.35 -5.28
C THR A 48 16.46 -15.04 -3.96
N LEU A 49 15.89 -14.56 -2.84
CA LEU A 49 16.23 -15.09 -1.53
C LEU A 49 15.53 -16.42 -1.24
N GLU A 50 14.29 -16.58 -1.67
CA GLU A 50 13.50 -17.74 -1.32
C GLU A 50 13.42 -18.76 -2.46
N GLY A 51 14.17 -18.54 -3.55
CA GLY A 51 14.24 -19.46 -4.66
C GLY A 51 12.92 -19.77 -5.33
N LYS A 52 12.25 -18.76 -5.88
CA LYS A 52 10.94 -18.94 -6.48
C LYS A 52 10.74 -17.92 -7.59
N LYS A 53 9.60 -18.03 -8.26
CA LYS A 53 9.15 -17.02 -9.22
C LYS A 53 7.69 -16.70 -8.91
N ILE A 54 7.40 -15.44 -8.67
CA ILE A 54 6.04 -15.01 -8.38
C ILE A 54 5.43 -14.53 -9.70
N ASN A 55 4.10 -14.67 -9.82
CA ASN A 55 3.42 -14.18 -11.03
C ASN A 55 3.34 -12.65 -10.90
N LYS A 56 4.23 -11.96 -11.62
CA LYS A 56 4.30 -10.52 -11.42
C LYS A 56 3.10 -9.80 -12.01
N GLU A 57 2.49 -10.34 -13.07
CA GLU A 57 1.25 -9.74 -13.57
C GLU A 57 0.19 -9.63 -12.47
N LYS A 58 -0.12 -10.76 -11.83
CA LYS A 58 -1.10 -10.75 -10.75
C LYS A 58 -0.65 -9.87 -9.60
N LEU A 59 0.64 -9.87 -9.29
CA LEU A 59 1.10 -9.05 -8.17
C LEU A 59 0.88 -7.56 -8.45
N LEU A 60 1.34 -7.11 -9.61
CA LEU A 60 1.27 -5.68 -9.90
C LEU A 60 -0.17 -5.20 -10.03
N LEU A 61 -1.03 -6.02 -10.64
CA LEU A 61 -2.42 -5.62 -10.77
C LEU A 61 -3.12 -5.61 -9.42
N TYR A 62 -2.77 -6.55 -8.51
CA TYR A 62 -3.33 -6.48 -7.16
C TYR A 62 -2.85 -5.24 -6.42
N ALA A 63 -1.55 -4.92 -6.52
CA ALA A 63 -1.07 -3.68 -5.93
C ALA A 63 -1.78 -2.47 -6.54
N LEU A 64 -2.02 -2.49 -7.85
CA LEU A 64 -2.62 -1.33 -8.52
C LEU A 64 -4.00 -1.02 -7.95
N TYR A 65 -4.82 -2.07 -7.77
CA TYR A 65 -6.19 -1.90 -7.31
C TYR A 65 -6.38 -2.22 -5.82
N HIS A 66 -5.30 -2.34 -5.04
CA HIS A 66 -5.45 -2.84 -3.67
C HIS A 66 -6.31 -1.94 -2.78
N ASP A 67 -6.34 -0.64 -3.04
CA ASP A 67 -7.18 0.24 -2.24
C ASP A 67 -8.32 0.83 -3.04
N VAL A 68 -8.64 0.23 -4.18
CA VAL A 68 -9.65 0.81 -5.06
C VAL A 68 -11.00 0.93 -4.35
N THR A 69 -11.28 0.07 -3.36
CA THR A 69 -12.57 0.21 -2.69
C THR A 69 -12.66 1.48 -1.85
N GLU A 70 -11.56 2.19 -1.66
CA GLU A 70 -11.63 3.43 -0.88
C GLU A 70 -12.27 4.58 -1.65
N VAL A 71 -12.56 4.40 -2.95
CA VAL A 71 -13.41 5.37 -3.65
C VAL A 71 -14.82 5.39 -3.08
N VAL A 72 -15.24 4.30 -2.45
CA VAL A 72 -16.55 4.20 -1.80
C VAL A 72 -16.43 4.41 -0.29
N SER A 73 -15.49 3.72 0.35
CA SER A 73 -15.38 3.76 1.80
C SER A 73 -14.65 4.99 2.33
N THR A 74 -13.91 5.69 1.47
CA THR A 74 -12.89 6.68 1.83
C THR A 74 -11.77 5.95 2.56
N HIS A 75 -10.71 6.67 2.94
CA HIS A 75 -9.57 6.04 3.59
C HIS A 75 -9.73 6.18 5.10
N ILE A 76 -10.05 5.07 5.76
CA ILE A 76 -10.17 5.02 7.22
C ILE A 76 -8.80 4.68 7.79
N ILE A 77 -8.26 5.57 8.63
CA ILE A 77 -6.93 5.34 9.15
C ILE A 77 -6.91 4.10 10.05
N SER A 78 -5.72 3.52 10.18
CA SER A 78 -5.57 2.23 10.84
C SER A 78 -6.04 2.19 12.29
N PRO A 79 -5.75 3.19 13.15
CA PRO A 79 -6.25 3.10 14.54
C PRO A 79 -7.76 3.01 14.65
N VAL A 80 -8.49 3.50 13.66
CA VAL A 80 -9.95 3.40 13.65
C VAL A 80 -10.41 2.11 12.99
N LYS A 81 -9.82 1.80 11.84
CA LYS A 81 -10.17 0.60 11.08
C LYS A 81 -9.89 -0.67 11.87
N LYS A 82 -8.76 -0.73 12.57
CA LYS A 82 -8.37 -1.91 13.32
C LYS A 82 -8.88 -1.92 14.76
N ASN A 83 -9.77 -0.99 15.12
CA ASN A 83 -10.41 -1.04 16.43
C ASN A 83 -11.28 -2.29 16.51
N SER A 84 -11.28 -2.91 17.70
CA SER A 84 -12.02 -4.16 17.88
C SER A 84 -13.51 -4.00 17.61
N ILE A 85 -14.04 -2.78 17.72
CA ILE A 85 -15.45 -2.53 17.40
C ILE A 85 -15.68 -2.53 15.89
N LEU A 86 -14.76 -1.94 15.13
CA LEU A 86 -14.97 -1.73 13.70
C LEU A 86 -14.22 -2.74 12.83
N LYS A 87 -13.32 -3.53 13.39
CA LYS A 87 -12.47 -4.46 12.66
C LYS A 87 -13.25 -5.32 11.67
N ASP A 88 -14.09 -6.23 12.18
CA ASP A 88 -14.88 -7.12 11.34
C ASP A 88 -15.95 -6.40 10.52
N PRO A 89 -16.67 -5.42 11.09
CA PRO A 89 -17.64 -4.68 10.26
C PRO A 89 -17.02 -4.04 9.03
N PHE A 90 -15.84 -3.42 9.16
CA PHE A 90 -15.22 -2.78 8.00
C PHE A 90 -14.85 -3.81 6.94
N ASN A 91 -14.32 -4.96 7.36
CA ASN A 91 -13.99 -6.01 6.40
C ASN A 91 -15.24 -6.48 5.66
N ALA A 92 -16.37 -6.57 6.36
CA ALA A 92 -17.62 -6.93 5.69
C ALA A 92 -18.07 -5.82 4.75
N PHE A 93 -17.89 -4.56 5.17
CA PHE A 93 -18.20 -3.44 4.30
C PHE A 93 -17.33 -3.46 3.04
N ARG A 94 -16.02 -3.64 3.23
CA ARG A 94 -15.09 -3.74 2.11
C ARG A 94 -15.52 -4.83 1.13
N GLU A 95 -16.00 -5.96 1.66
CA GLU A 95 -16.40 -7.07 0.79
C GLU A 95 -17.67 -6.74 0.01
N GLN A 96 -18.60 -6.00 0.60
CA GLN A 96 -19.79 -5.58 -0.15
C GLN A 96 -19.42 -4.63 -1.29
N ILE A 97 -18.38 -3.81 -1.10
CA ILE A 97 -17.98 -2.86 -2.14
C ILE A 97 -17.46 -3.59 -3.37
N LYS A 98 -16.69 -4.66 -3.17
CA LYS A 98 -16.12 -5.41 -4.29
C LYS A 98 -17.21 -5.94 -5.22
N ASN A 99 -18.32 -6.41 -4.64
CA ASN A 99 -19.39 -7.05 -5.39
C ASN A 99 -20.33 -6.06 -6.08
N SER A 100 -19.90 -4.81 -6.28
CA SER A 100 -20.80 -3.80 -6.81
C SER A 100 -20.19 -2.89 -7.87
N LEU A 101 -18.93 -3.09 -8.25
CA LEU A 101 -18.20 -2.10 -9.03
C LEU A 101 -18.13 -2.40 -10.53
N PHE A 102 -17.90 -3.66 -10.91
CA PHE A 102 -17.75 -4.00 -12.32
C PHE A 102 -19.10 -3.93 -13.02
N ASP A 103 -19.26 -2.97 -13.95
CA ASP A 103 -20.51 -2.80 -14.66
C ASP A 103 -20.24 -2.40 -16.11
N ASN A 104 -21.00 -2.99 -17.03
CA ASN A 104 -20.93 -2.67 -18.46
C ASN A 104 -19.55 -2.90 -19.05
N LEU A 105 -18.77 -3.79 -18.45
CA LEU A 105 -17.41 -4.07 -18.88
C LEU A 105 -17.37 -5.24 -19.84
N PRO A 106 -16.28 -5.40 -20.60
CA PRO A 106 -16.07 -6.64 -21.35
C PRO A 106 -15.72 -7.79 -20.41
N ILE A 107 -15.98 -9.01 -20.89
CA ILE A 107 -15.85 -10.19 -20.03
C ILE A 107 -14.41 -10.39 -19.59
N THR A 108 -13.45 -10.19 -20.50
CA THR A 108 -12.04 -10.27 -20.10
C THR A 108 -11.70 -9.21 -19.07
N LEU A 109 -12.29 -8.03 -19.19
CA LEU A 109 -12.11 -7.01 -18.16
C LEU A 109 -12.86 -7.37 -16.89
N SER A 110 -14.11 -7.85 -17.03
CA SER A 110 -14.87 -8.30 -15.87
C SER A 110 -14.12 -9.36 -15.10
N ASP A 111 -13.66 -10.39 -15.80
CA ASP A 111 -13.01 -11.52 -15.13
C ASP A 111 -11.69 -11.10 -14.49
N THR A 112 -10.83 -10.41 -15.25
CA THR A 112 -9.57 -9.95 -14.69
C THR A 112 -9.80 -9.13 -13.42
N LEU A 113 -10.78 -8.22 -13.44
CA LEU A 113 -11.02 -7.41 -12.26
C LEU A 113 -11.62 -8.22 -11.12
N SER A 114 -12.49 -9.18 -11.44
CA SER A 114 -13.00 -10.06 -10.39
C SER A 114 -11.88 -10.90 -9.80
N THR A 115 -11.01 -11.45 -10.65
CA THR A 115 -9.85 -12.17 -10.16
C THR A 115 -9.04 -11.32 -9.19
N ILE A 116 -8.75 -10.08 -9.59
CA ILE A 116 -7.94 -9.19 -8.77
C ILE A 116 -8.65 -8.86 -7.46
N LEU A 117 -9.91 -8.46 -7.53
CA LEU A 117 -10.61 -7.98 -6.33
C LEU A 117 -11.04 -9.12 -5.41
N ASN A 118 -11.30 -10.31 -5.94
CA ASN A 118 -11.58 -11.44 -5.08
C ASN A 118 -10.41 -12.40 -5.09
N ASN A 119 -9.21 -11.85 -4.90
CA ASN A 119 -7.99 -12.63 -4.95
C ASN A 119 -7.92 -13.60 -3.77
N ASN A 120 -7.39 -14.80 -4.03
CA ASN A 120 -7.04 -15.70 -2.94
C ASN A 120 -5.60 -16.18 -3.03
N ASP A 121 -4.73 -15.42 -3.70
CA ASP A 121 -3.30 -15.69 -3.66
C ASP A 121 -2.75 -15.06 -2.38
N LEU A 122 -2.48 -15.89 -1.39
CA LEU A 122 -2.13 -15.40 -0.06
C LEU A 122 -0.76 -14.72 -0.06
N GLU A 123 0.17 -15.17 -0.90
CA GLU A 123 1.50 -14.59 -0.89
C GLU A 123 1.54 -13.22 -1.56
N ILE A 124 0.81 -13.06 -2.67
CA ILE A 124 0.67 -11.75 -3.28
C ILE A 124 0.04 -10.79 -2.28
N GLN A 125 -0.99 -11.25 -1.56
CA GLN A 125 -1.62 -10.43 -0.54
C GLN A 125 -0.62 -10.06 0.56
N GLU A 126 0.27 -11.00 0.92
CA GLU A 126 1.30 -10.71 1.92
C GLU A 126 2.28 -9.65 1.42
N ILE A 127 2.77 -9.79 0.18
CA ILE A 127 3.76 -8.85 -0.33
C ILE A 127 3.18 -7.44 -0.35
N VAL A 128 1.94 -7.29 -0.82
CA VAL A 128 1.36 -5.97 -0.94
C VAL A 128 1.07 -5.38 0.44
N GLU A 129 0.67 -6.23 1.39
CA GLU A 129 0.48 -5.75 2.76
C GLU A 129 1.78 -5.21 3.33
N HIS A 130 2.89 -5.92 3.07
CA HIS A 130 4.20 -5.44 3.50
C HIS A 130 4.59 -4.16 2.77
N ALA A 131 4.35 -4.11 1.45
CA ALA A 131 4.67 -2.90 0.71
C ALA A 131 3.88 -1.72 1.25
N ASP A 132 2.65 -1.98 1.68
CA ASP A 132 1.77 -0.97 2.26
C ASP A 132 2.34 -0.43 3.57
N HIS A 133 2.85 -1.31 4.43
CA HIS A 133 3.52 -0.85 5.64
C HIS A 133 4.80 -0.09 5.31
N VAL A 134 5.60 -0.59 4.36
CA VAL A 134 6.82 0.13 4.00
C VAL A 134 6.48 1.55 3.52
N ASP A 135 5.46 1.67 2.67
CA ASP A 135 5.13 2.99 2.14
C ASP A 135 4.69 3.93 3.26
N ALA A 136 3.86 3.45 4.18
CA ALA A 136 3.50 4.26 5.34
C ALA A 136 4.73 4.71 6.10
N TYR A 137 5.70 3.80 6.27
CA TYR A 137 6.92 4.17 6.98
C TYR A 137 7.69 5.24 6.20
N CYS A 138 7.78 5.07 4.89
CA CYS A 138 8.48 6.05 4.06
C CYS A 138 7.84 7.44 4.17
N LYS A 139 6.51 7.50 4.08
CA LYS A 139 5.81 8.76 4.26
C LYS A 139 6.16 9.42 5.60
N SER A 140 6.17 8.64 6.69
CA SER A 140 6.49 9.20 7.99
C SER A 140 7.91 9.72 8.00
N CYS A 141 8.82 9.01 7.32
CA CYS A 141 10.22 9.47 7.21
C CYS A 141 10.30 10.81 6.48
N ILE A 142 9.56 10.96 5.38
CA ILE A 142 9.61 12.22 4.63
C ILE A 142 9.06 13.37 5.48
N GLU A 143 7.94 13.15 6.15
CA GLU A 143 7.37 14.22 6.98
C GLU A 143 8.32 14.64 8.09
N VAL A 144 8.88 13.66 8.83
CA VAL A 144 9.86 13.99 9.85
C VAL A 144 11.05 14.75 9.24
N HIS A 145 11.49 14.32 8.05
CA HIS A 145 12.58 15.01 7.33
C HIS A 145 12.23 16.46 7.03
N ARG A 146 10.98 16.70 6.62
CA ARG A 146 10.50 18.07 6.41
C ARG A 146 10.47 18.89 7.69
N GLY A 147 10.60 18.26 8.85
CA GLY A 147 10.51 18.96 10.12
C GLY A 147 9.21 18.80 10.86
N ASN A 148 8.40 17.78 10.53
CA ASN A 148 7.06 17.61 11.09
C ASN A 148 7.19 16.79 12.37
N LYS A 149 7.23 17.46 13.52
CA LYS A 149 7.37 16.76 14.79
C LYS A 149 6.17 15.86 15.08
N ASP A 150 5.00 16.19 14.54
CA ASP A 150 3.81 15.37 14.77
C ASP A 150 3.93 13.97 14.18
N PHE A 151 4.84 13.73 13.23
CA PHE A 151 4.99 12.38 12.69
C PHE A 151 6.09 11.57 13.38
N ILE A 152 6.77 12.14 14.37
CA ILE A 152 7.85 11.40 15.04
C ILE A 152 7.31 10.14 15.69
N SER A 153 6.19 10.26 16.42
CA SER A 153 5.60 9.12 17.09
C SER A 153 5.02 8.12 16.10
N ILE A 154 4.51 8.61 14.97
CA ILE A 154 4.02 7.73 13.92
C ILE A 154 5.17 6.95 13.31
N GLN A 155 6.27 7.63 12.98
CA GLN A 155 7.48 6.97 12.49
C GLN A 155 7.97 5.90 13.45
N ARG A 156 7.88 6.16 14.75
CA ARG A 156 8.42 5.22 15.73
C ARG A 156 7.58 3.94 15.79
N SER A 157 6.25 4.05 15.78
CA SER A 157 5.47 2.82 15.86
C SER A 157 5.53 2.05 14.55
N LEU A 158 5.49 2.74 13.42
CA LEU A 158 5.66 2.05 12.13
C LEU A 158 7.03 1.41 12.04
N GLY A 159 8.07 2.11 12.50
CA GLY A 159 9.41 1.55 12.48
C GLY A 159 9.55 0.35 13.40
N ASP A 160 8.96 0.42 14.59
CA ASP A 160 8.97 -0.71 15.52
C ASP A 160 8.30 -1.93 14.89
N LYS A 161 7.15 -1.73 14.26
CA LYS A 161 6.47 -2.84 13.61
C LYS A 161 7.30 -3.39 12.45
N LEU A 162 7.94 -2.52 11.67
CA LEU A 162 8.74 -2.98 10.55
C LEU A 162 9.94 -3.79 11.03
N ASP A 163 10.59 -3.34 12.10
CA ASP A 163 11.72 -4.07 12.65
C ASP A 163 11.32 -5.48 13.05
N ASN A 164 10.16 -5.63 13.71
CA ASN A 164 9.67 -6.96 14.04
C ASN A 164 9.49 -7.80 12.79
N LEU A 165 8.91 -7.23 11.73
CA LEU A 165 8.69 -7.99 10.51
C LEU A 165 9.99 -8.44 9.87
N THR A 166 11.04 -7.61 9.95
CA THR A 166 12.31 -7.99 9.35
C THR A 166 12.91 -9.24 10.01
N LYS A 167 12.59 -9.49 11.29
CA LYS A 167 13.10 -10.70 11.93
C LYS A 167 12.46 -11.96 11.38
N GLU A 168 11.28 -11.85 10.77
CA GLU A 168 10.55 -13.01 10.30
C GLU A 168 10.47 -13.13 8.78
N TYR A 169 10.75 -12.08 8.04
CA TYR A 169 10.72 -12.09 6.58
C TYR A 169 12.05 -11.53 6.06
N PRO A 170 12.99 -12.40 5.67
CA PRO A 170 14.31 -11.91 5.29
C PRO A 170 14.32 -10.98 4.08
N TYR A 171 13.36 -11.10 3.16
CA TYR A 171 13.38 -10.18 2.03
C TYR A 171 13.08 -8.76 2.49
N LEU A 172 12.36 -8.59 3.59
CA LEU A 172 12.12 -7.25 4.12
C LEU A 172 13.39 -6.68 4.74
N LYS A 173 14.18 -7.52 5.41
CA LYS A 173 15.43 -7.04 5.98
C LYS A 173 16.38 -6.58 4.89
N GLU A 174 16.42 -7.31 3.78
CA GLU A 174 17.26 -6.89 2.67
C GLU A 174 16.78 -5.57 2.09
N PHE A 175 15.48 -5.40 1.91
CA PHE A 175 14.95 -4.11 1.46
C PHE A 175 15.35 -3.00 2.41
N GLN A 176 15.18 -3.25 3.72
CA GLN A 176 15.61 -2.27 4.72
C GLN A 176 17.08 -1.91 4.55
N ASN A 177 17.94 -2.92 4.36
CA ASN A 177 19.37 -2.67 4.21
C ASN A 177 19.70 -1.90 2.94
N LEU A 178 18.96 -2.11 1.87
CA LEU A 178 19.29 -1.42 0.63
C LEU A 178 18.73 -0.01 0.57
N PHE A 179 17.59 0.26 1.21
CA PHE A 179 16.89 1.51 0.94
C PHE A 179 16.49 2.30 2.19
N LEU A 180 16.19 1.61 3.28
CA LEU A 180 15.50 2.25 4.41
C LEU A 180 16.44 2.69 5.51
N LYS A 181 17.73 2.61 5.31
CA LYS A 181 18.68 3.06 6.33
C LYS A 181 19.22 4.44 6.02
N ASP A 182 18.85 5.01 4.87
CA ASP A 182 19.25 6.35 4.46
C ASP A 182 18.12 6.96 3.63
N PHE A 183 17.01 7.26 4.29
CA PHE A 183 15.81 7.69 3.55
C PHE A 183 15.03 8.80 4.27
N PRO A 184 14.67 9.86 3.53
CA PRO A 184 15.01 10.17 2.14
C PRO A 184 16.47 10.62 2.01
N LEU A 185 16.96 10.72 0.77
CA LEU A 185 18.31 11.21 0.54
C LEU A 185 18.32 12.73 0.66
N GLU A 186 19.15 13.25 1.56
CA GLU A 186 19.29 14.70 1.66
C GLU A 186 19.92 15.27 0.39
N ASN A 187 20.97 14.61 -0.11
CA ASN A 187 21.67 15.05 -1.32
C ASN A 187 21.29 14.13 -2.47
N LYS A 188 20.46 14.65 -3.37
CA LYS A 188 19.96 13.89 -4.51
C LYS A 188 20.93 14.03 -5.69
N ASN A 189 22.09 13.38 -5.53
CA ASN A 189 23.17 13.51 -6.49
C ASN A 189 22.76 13.06 -7.88
N TYR A 190 21.78 12.16 -7.98
CA TYR A 190 21.35 11.63 -9.27
C TYR A 190 20.73 12.69 -10.19
N ARG A 191 20.37 13.86 -9.67
CA ARG A 191 19.83 14.92 -10.51
C ARG A 191 20.88 15.63 -11.35
N TYR A 192 22.16 15.43 -11.05
CA TYR A 192 23.22 16.23 -11.66
C TYR A 192 24.30 15.36 -12.32
MG MG B . -2.76 0.76 0.72
MG MG C . -1.79 -1.31 5.43
C01 7D4 D . -2.48 7.86 12.52
N02 7D4 D . -2.73 7.29 11.35
C03 7D4 D . -1.99 6.19 10.93
C04 7D4 D . -0.96 5.72 11.76
C05 7D4 D . -0.74 6.38 13.02
N06 7D4 D . -1.52 7.44 13.34
N07 7D4 D . 0.26 5.94 13.89
N08 7D4 D . -0.39 4.66 11.12
C09 7D4 D . -1.02 4.49 9.94
N10 7D4 D . -1.99 5.40 9.80
C11 7D4 D . -2.85 5.53 8.70
C12 7D4 D . -2.24 5.37 7.38
C13 7D4 D . -3.12 4.33 7.07
O14 7D4 D . -3.59 4.36 8.46
C15 7D4 D . -2.47 3.02 6.68
O16 7D4 D . -1.60 2.59 7.67
P17 7D4 D . -1.17 1.06 7.77
O18 7D4 D . 0.14 0.94 8.46
O19 7D4 D . -1.06 0.45 6.42
O20 7D4 D . -2.29 0.26 8.66
P21 7D4 D . -3.15 -1.02 8.23
O22 7D4 D . -2.31 -1.95 7.39
O23 7D4 D . -3.56 -1.78 9.53
O24 7D4 D . -4.49 -0.52 7.43
P25 7D4 D . -4.95 -0.92 5.99
O26 7D4 D . -6.18 -0.06 5.54
O27 7D4 D . -3.82 -0.68 4.99
O28 7D4 D . -5.37 -2.42 5.97
C29 7D4 D . -2.44 6.59 6.43
O30 7D4 D . -3.77 6.98 6.43
#